data_1LQY
#
_entry.id   1LQY
#
_cell.length_a   42.013
_cell.length_b   43.075
_cell.length_c   92.225
_cell.angle_alpha   90.00
_cell.angle_beta   90.00
_cell.angle_gamma   90.00
#
_symmetry.space_group_name_H-M   'P 21 21 21'
#
loop_
_entity.id
_entity.type
_entity.pdbx_description
1 polymer 'PEPTIDE deformylase 2'
2 non-polymer 'NICKEL (II) ION'
3 non-polymer ACTINONIN
4 water water
#
_entity_poly.entity_id   1
_entity_poly.type   'polypeptide(L)'
_entity_poly.pdbx_seq_one_letter_code
;MITMKDIIKEGHPTLRKVAEPVPLPPSEEDKRILQSLLDYVKMSQDPELAAKYGLRPGIGLAAPQINVSKRMIAVHVTDE
NGTLYSYALFNPKIVSHSVQQCYLTTGEGCLSVDRDVPGYVLRYARITVTGTTLDGEEVTLRLKGLPAIVFQHEIDHLNG
IMFYDRINPADPFQVPDGAIPIGR
;
_entity_poly.pdbx_strand_id   A
#
loop_
_chem_comp.id
_chem_comp.type
_chem_comp.name
_chem_comp.formula
BB2 non-polymer ACTINONIN 'C19 H35 N3 O5'
NI non-polymer 'NICKEL (II) ION' 'Ni 2'
#
# COMPACT_ATOMS: atom_id res chain seq x y z
N MET A 1 -10.49 -11.43 -9.87
CA MET A 1 -9.20 -12.12 -10.19
C MET A 1 -8.31 -11.24 -11.04
N ILE A 2 -7.62 -10.37 -10.35
CA ILE A 2 -6.72 -9.47 -10.99
C ILE A 2 -5.44 -10.23 -11.36
N THR A 3 -4.81 -9.86 -12.47
CA THR A 3 -3.52 -10.41 -12.86
C THR A 3 -2.70 -9.19 -13.29
N MET A 4 -1.44 -9.40 -13.63
CA MET A 4 -0.61 -8.29 -14.05
C MET A 4 -1.16 -7.51 -15.24
N LYS A 5 -1.99 -8.11 -16.07
CA LYS A 5 -2.48 -7.34 -17.21
C LYS A 5 -3.56 -6.34 -16.82
N ASP A 6 -3.99 -6.40 -15.56
CA ASP A 6 -4.98 -5.45 -15.04
C ASP A 6 -4.28 -4.28 -14.31
N ILE A 7 -2.98 -4.42 -14.07
CA ILE A 7 -2.24 -3.39 -13.33
C ILE A 7 -1.74 -2.28 -14.24
N ILE A 8 -2.18 -1.05 -13.99
CA ILE A 8 -1.71 0.04 -14.83
C ILE A 8 -0.35 0.50 -14.32
N LYS A 9 0.40 1.10 -15.24
CA LYS A 9 1.77 1.54 -14.95
C LYS A 9 1.96 3.04 -14.85
N GLU A 10 3.06 3.41 -14.20
CA GLU A 10 3.39 4.81 -14.02
C GLU A 10 3.25 5.52 -15.36
N GLY A 11 2.62 6.68 -15.33
CA GLY A 11 2.39 7.42 -16.56
C GLY A 11 0.89 7.48 -16.78
N HIS A 12 0.18 6.47 -16.28
CA HIS A 12 -1.27 6.47 -16.44
C HIS A 12 -1.84 7.54 -15.52
N PRO A 13 -2.68 8.46 -16.06
CA PRO A 13 -3.26 9.54 -15.25
C PRO A 13 -4.00 9.12 -14.00
N THR A 14 -4.59 7.93 -14.01
CA THR A 14 -5.32 7.49 -12.85
C THR A 14 -4.43 7.40 -11.60
N LEU A 15 -3.16 7.07 -11.80
CA LEU A 15 -2.24 6.96 -10.68
C LEU A 15 -1.89 8.32 -10.00
N ARG A 16 -2.21 9.47 -10.63
CA ARG A 16 -1.92 10.78 -10.05
C ARG A 16 -3.18 11.54 -9.60
N LYS A 17 -4.32 10.90 -9.70
CA LYS A 17 -5.59 11.50 -9.29
C LYS A 17 -5.83 11.25 -7.80
N VAL A 18 -6.76 12.00 -7.20
CA VAL A 18 -7.12 11.78 -5.81
C VAL A 18 -8.36 10.89 -5.92
N ALA A 19 -8.31 9.68 -5.36
CA ALA A 19 -9.43 8.76 -5.47
C ALA A 19 -10.72 9.19 -4.77
N GLU A 20 -11.87 8.81 -5.33
CA GLU A 20 -13.18 9.13 -4.75
C GLU A 20 -13.57 8.25 -3.60
N PRO A 21 -14.07 8.84 -2.51
CA PRO A 21 -14.50 8.05 -1.35
C PRO A 21 -15.57 7.07 -1.82
N VAL A 22 -15.76 5.98 -1.08
CA VAL A 22 -16.77 4.96 -1.42
C VAL A 22 -18.01 5.14 -0.55
N PRO A 23 -19.21 5.27 -1.16
CA PRO A 23 -20.42 5.42 -0.37
C PRO A 23 -20.64 4.18 0.48
N LEU A 24 -21.03 4.35 1.74
CA LEU A 24 -21.28 3.22 2.65
C LEU A 24 -22.75 3.26 3.10
N PRO A 25 -23.38 2.10 3.32
CA PRO A 25 -22.85 0.74 3.17
C PRO A 25 -22.46 0.53 1.69
N PRO A 26 -21.43 -0.29 1.44
CA PRO A 26 -21.02 -0.46 0.03
C PRO A 26 -21.94 -1.25 -0.89
N SER A 27 -21.90 -0.92 -2.17
CA SER A 27 -22.70 -1.63 -3.18
C SER A 27 -22.06 -3.00 -3.32
N GLU A 28 -22.79 -3.98 -3.85
CA GLU A 28 -22.18 -5.28 -4.03
C GLU A 28 -20.96 -5.15 -4.96
N GLU A 29 -20.99 -4.24 -5.93
CA GLU A 29 -19.84 -4.11 -6.81
C GLU A 29 -18.62 -3.52 -6.10
N ASP A 30 -18.80 -2.57 -5.22
CA ASP A 30 -17.61 -2.02 -4.55
C ASP A 30 -17.04 -3.09 -3.59
N LYS A 31 -17.90 -3.90 -3.00
CA LYS A 31 -17.41 -4.96 -2.13
C LYS A 31 -16.62 -5.93 -2.99
N ARG A 32 -17.15 -6.25 -4.17
CA ARG A 32 -16.44 -7.16 -5.06
C ARG A 32 -15.04 -6.64 -5.38
N ILE A 33 -14.95 -5.34 -5.68
CA ILE A 33 -13.64 -4.79 -6.03
C ILE A 33 -12.65 -4.84 -4.87
N LEU A 34 -13.07 -4.41 -3.69
CA LEU A 34 -12.18 -4.42 -2.51
C LEU A 34 -11.71 -5.86 -2.23
N GLN A 35 -12.66 -6.79 -2.20
CA GLN A 35 -12.35 -8.19 -1.99
C GLN A 35 -11.29 -8.65 -2.99
N SER A 36 -11.45 -8.25 -4.24
CA SER A 36 -10.50 -8.60 -5.29
C SER A 36 -9.10 -8.07 -5.03
N LEU A 37 -8.97 -6.92 -4.35
CA LEU A 37 -7.63 -6.40 -4.05
C LEU A 37 -6.98 -7.33 -3.02
N LEU A 38 -7.73 -7.63 -1.96
CA LEU A 38 -7.23 -8.50 -0.89
C LEU A 38 -6.89 -9.88 -1.42
N ASP A 39 -7.74 -10.44 -2.27
CA ASP A 39 -7.44 -11.74 -2.84
C ASP A 39 -6.17 -11.72 -3.70
N TYR A 40 -5.92 -10.64 -4.42
CA TYR A 40 -4.71 -10.58 -5.24
C TYR A 40 -3.48 -10.50 -4.35
N VAL A 41 -3.54 -9.69 -3.29
CA VAL A 41 -2.38 -9.56 -2.43
C VAL A 41 -2.07 -10.93 -1.80
N LYS A 42 -3.07 -11.62 -1.29
CA LYS A 42 -2.86 -12.94 -0.69
C LYS A 42 -2.30 -13.95 -1.72
N MET A 43 -2.99 -14.06 -2.86
CA MET A 43 -2.55 -14.99 -3.90
C MET A 43 -1.17 -14.69 -4.50
N SER A 44 -0.85 -13.42 -4.73
CA SER A 44 0.43 -13.05 -5.33
C SER A 44 1.63 -13.52 -4.50
N GLN A 45 1.38 -13.81 -3.23
CA GLN A 45 2.40 -14.25 -2.31
C GLN A 45 2.64 -15.75 -2.26
N ASP A 46 1.86 -16.51 -3.03
CA ASP A 46 2.09 -17.95 -3.15
C ASP A 46 2.79 -18.00 -4.50
N PRO A 47 4.10 -18.32 -4.51
CA PRO A 47 4.81 -18.34 -5.79
C PRO A 47 4.22 -19.27 -6.84
N GLU A 48 3.56 -20.34 -6.41
CA GLU A 48 2.98 -21.24 -7.39
C GLU A 48 1.75 -20.54 -8.05
N LEU A 49 0.93 -19.90 -7.23
CA LEU A 49 -0.24 -19.20 -7.75
C LEU A 49 0.18 -18.01 -8.60
N ALA A 50 1.25 -17.30 -8.19
CA ALA A 50 1.72 -16.16 -8.96
C ALA A 50 2.17 -16.57 -10.36
N ALA A 51 2.84 -17.71 -10.44
CA ALA A 51 3.35 -18.20 -11.74
C ALA A 51 2.20 -18.69 -12.60
N LYS A 52 1.26 -19.34 -11.96
CA LYS A 52 0.10 -19.90 -12.66
C LYS A 52 -0.78 -18.83 -13.31
N TYR A 53 -1.09 -17.77 -12.57
CA TYR A 53 -1.96 -16.71 -13.11
C TYR A 53 -1.28 -15.43 -13.59
N GLY A 54 0.05 -15.38 -13.55
CA GLY A 54 0.73 -14.17 -13.98
C GLY A 54 0.54 -13.01 -13.00
N LEU A 55 0.92 -13.21 -11.75
CA LEU A 55 0.84 -12.19 -10.72
C LEU A 55 2.27 -11.86 -10.29
N ARG A 56 2.47 -10.68 -9.71
CA ARG A 56 3.78 -10.30 -9.18
C ARG A 56 3.48 -10.07 -7.70
N PRO A 57 4.32 -10.63 -6.81
CA PRO A 57 4.11 -10.50 -5.37
C PRO A 57 4.03 -9.08 -4.83
N GLY A 58 2.94 -8.82 -4.12
CA GLY A 58 2.77 -7.52 -3.50
C GLY A 58 2.25 -7.76 -2.10
N ILE A 59 2.70 -6.94 -1.13
CA ILE A 59 2.21 -7.09 0.22
C ILE A 59 1.11 -6.08 0.52
N GLY A 60 0.74 -5.32 -0.51
CA GLY A 60 -0.36 -4.36 -0.37
C GLY A 60 -0.85 -3.96 -1.76
N LEU A 61 -2.09 -3.48 -1.87
CA LEU A 61 -2.57 -3.02 -3.18
C LEU A 61 -3.67 -1.97 -3.03
N ALA A 62 -3.73 -1.02 -3.97
CA ALA A 62 -4.78 0.03 -3.90
C ALA A 62 -5.65 0.07 -5.18
N ALA A 63 -6.93 0.40 -5.04
CA ALA A 63 -7.81 0.40 -6.23
C ALA A 63 -7.25 1.13 -7.48
N PRO A 64 -6.70 2.32 -7.29
CA PRO A 64 -6.16 3.01 -8.47
C PRO A 64 -5.16 2.19 -9.30
N GLN A 65 -4.54 1.17 -8.72
CA GLN A 65 -3.55 0.39 -9.49
C GLN A 65 -4.20 -0.51 -10.56
N ILE A 66 -5.48 -0.80 -10.39
CA ILE A 66 -6.22 -1.57 -11.39
C ILE A 66 -7.18 -0.59 -12.11
N ASN A 67 -6.80 0.69 -12.15
CA ASN A 67 -7.59 1.74 -12.81
C ASN A 67 -8.99 1.96 -12.21
N VAL A 68 -9.13 1.84 -10.89
CA VAL A 68 -10.42 2.10 -10.26
C VAL A 68 -10.13 3.22 -9.25
N SER A 69 -10.57 4.44 -9.61
CA SER A 69 -10.31 5.63 -8.79
C SER A 69 -11.22 5.75 -7.59
N LYS A 70 -11.11 4.77 -6.69
CA LYS A 70 -11.90 4.75 -5.46
C LYS A 70 -11.00 4.44 -4.28
N ARG A 71 -11.43 4.88 -3.10
CA ARG A 71 -10.63 4.75 -1.87
C ARG A 71 -10.77 3.40 -1.22
N MET A 72 -9.99 2.46 -1.75
CA MET A 72 -9.98 1.07 -1.29
C MET A 72 -8.54 0.59 -1.24
N ILE A 73 -8.18 -0.08 -0.15
CA ILE A 73 -6.81 -0.64 -0.04
C ILE A 73 -6.83 -2.02 0.61
N ALA A 74 -5.81 -2.82 0.28
CA ALA A 74 -5.65 -4.14 0.87
C ALA A 74 -4.21 -4.24 1.37
N VAL A 75 -4.03 -4.89 2.51
CA VAL A 75 -2.70 -5.08 3.11
C VAL A 75 -2.60 -6.52 3.68
N HIS A 76 -1.49 -7.20 3.40
CA HIS A 76 -1.32 -8.57 3.88
C HIS A 76 0.17 -8.71 4.08
N VAL A 77 0.62 -8.40 5.30
CA VAL A 77 2.05 -8.40 5.57
C VAL A 77 2.33 -8.90 6.96
N THR A 78 3.49 -9.54 7.12
CA THR A 78 3.94 -10.08 8.41
C THR A 78 5.07 -9.19 8.94
N ASP A 79 5.02 -8.81 10.21
CA ASP A 79 6.07 -7.96 10.76
C ASP A 79 7.30 -8.74 11.21
N GLU A 80 8.31 -8.04 11.75
CA GLU A 80 9.56 -8.68 12.19
C GLU A 80 9.43 -9.67 13.34
N ASN A 81 8.30 -9.63 14.05
CA ASN A 81 8.07 -10.57 15.15
C ASN A 81 7.19 -11.72 14.69
N GLY A 82 6.91 -11.78 13.38
CA GLY A 82 6.09 -12.84 12.84
C GLY A 82 4.58 -12.66 12.94
N THR A 83 4.10 -11.47 13.26
CA THR A 83 2.65 -11.25 13.36
C THR A 83 2.09 -10.77 12.00
N LEU A 84 0.98 -11.38 11.59
CA LEU A 84 0.29 -11.06 10.32
C LEU A 84 -0.67 -9.90 10.45
N TYR A 85 -0.61 -8.98 9.49
CA TYR A 85 -1.54 -7.83 9.49
C TYR A 85 -2.23 -7.94 8.14
N SER A 86 -3.50 -8.34 8.16
CA SER A 86 -4.25 -8.54 6.93
C SER A 86 -5.50 -7.70 6.94
N TYR A 87 -5.60 -6.77 5.98
CA TYR A 87 -6.75 -5.89 5.96
C TYR A 87 -7.24 -5.48 4.58
N ALA A 88 -8.54 -5.24 4.48
CA ALA A 88 -9.19 -4.76 3.26
C ALA A 88 -10.08 -3.62 3.80
N LEU A 89 -9.75 -2.38 3.43
CA LEU A 89 -10.49 -1.23 3.95
C LEU A 89 -11.02 -0.23 2.95
N PHE A 90 -12.21 0.29 3.27
CA PHE A 90 -12.84 1.33 2.48
C PHE A 90 -12.51 2.64 3.20
N ASN A 91 -12.24 3.69 2.42
CA ASN A 91 -11.99 5.00 2.96
C ASN A 91 -10.97 5.04 4.12
N PRO A 92 -9.75 4.52 3.89
CA PRO A 92 -8.75 4.55 4.97
C PRO A 92 -8.15 5.97 5.11
N LYS A 93 -7.73 6.33 6.32
CA LYS A 93 -7.10 7.64 6.49
C LYS A 93 -6.16 7.60 7.70
N ILE A 94 -5.00 8.22 7.56
CA ILE A 94 -4.08 8.26 8.68
C ILE A 94 -4.54 9.45 9.54
N VAL A 95 -5.04 9.20 10.74
CA VAL A 95 -5.49 10.33 11.58
C VAL A 95 -4.39 10.93 12.47
N SER A 96 -3.29 10.21 12.63
CA SER A 96 -2.18 10.70 13.44
C SER A 96 -0.97 9.83 13.17
N HIS A 97 0.22 10.38 13.37
CA HIS A 97 1.44 9.62 13.15
C HIS A 97 2.56 10.20 13.98
N SER A 98 3.68 9.47 14.07
CA SER A 98 4.83 9.90 14.83
C SER A 98 5.60 10.93 14.03
N VAL A 99 6.39 11.71 14.74
CA VAL A 99 7.22 12.67 14.09
C VAL A 99 8.45 11.86 13.61
N GLN A 100 8.86 10.88 14.41
CA GLN A 100 10.01 10.03 14.07
C GLN A 100 9.72 9.25 12.78
N GLN A 101 10.73 9.15 11.92
CA GLN A 101 10.58 8.46 10.65
C GLN A 101 11.39 7.15 10.62
N CYS A 102 11.08 6.33 9.61
CA CYS A 102 11.74 5.05 9.36
C CYS A 102 11.78 4.82 7.84
N TYR A 103 12.54 3.82 7.41
CA TYR A 103 12.63 3.53 5.98
C TYR A 103 13.28 2.17 5.75
N LEU A 104 12.89 1.48 4.69
CA LEU A 104 13.49 0.17 4.36
C LEU A 104 14.85 0.45 3.72
N THR A 105 15.92 -0.23 4.17
CA THR A 105 17.22 0.07 3.58
C THR A 105 17.31 -0.38 2.12
N THR A 106 16.45 -1.30 1.72
CA THR A 106 16.44 -1.76 0.32
C THR A 106 15.69 -0.79 -0.59
N GLY A 107 14.97 0.16 0.00
CA GLY A 107 14.15 1.05 -0.82
C GLY A 107 12.84 0.28 -1.03
N GLU A 108 11.93 0.83 -1.82
CA GLU A 108 10.65 0.19 -2.05
C GLU A 108 10.45 -0.07 -3.56
N GLY A 109 9.61 -1.05 -3.85
CA GLY A 109 9.28 -1.34 -5.23
C GLY A 109 7.77 -1.14 -5.34
N CYS A 110 7.29 -0.90 -6.56
CA CYS A 110 5.86 -0.68 -6.78
C CYS A 110 5.42 -1.53 -7.97
N LEU A 111 4.26 -2.14 -7.83
CA LEU A 111 3.77 -2.99 -8.92
C LEU A 111 3.57 -2.18 -10.21
N SER A 112 3.26 -0.88 -10.09
CA SER A 112 3.08 -0.05 -11.29
C SER A 112 4.38 0.56 -11.86
N VAL A 113 5.51 0.32 -11.20
CA VAL A 113 6.79 0.86 -11.64
C VAL A 113 7.80 -0.24 -12.07
N ASP A 114 8.04 -0.30 -13.37
CA ASP A 114 8.94 -1.30 -13.95
C ASP A 114 10.37 -0.86 -14.06
N ARG A 115 11.03 -0.60 -12.94
CA ARG A 115 12.43 -0.18 -13.00
C ARG A 115 12.94 0.12 -11.61
N ASP A 116 14.23 -0.13 -11.41
CA ASP A 116 14.90 0.09 -10.13
C ASP A 116 14.92 1.59 -9.91
N VAL A 117 14.30 2.05 -8.84
CA VAL A 117 14.30 3.47 -8.48
C VAL A 117 15.03 3.41 -7.14
N PRO A 118 16.32 3.79 -7.12
CA PRO A 118 17.14 3.76 -5.91
C PRO A 118 16.84 4.82 -4.86
N GLY A 119 17.13 4.50 -3.59
CA GLY A 119 16.97 5.47 -2.54
C GLY A 119 16.01 5.14 -1.43
N TYR A 120 16.26 5.76 -0.28
CA TYR A 120 15.42 5.54 0.87
C TYR A 120 14.09 6.28 0.74
N VAL A 121 12.98 5.56 1.00
CA VAL A 121 11.64 6.16 0.98
C VAL A 121 11.24 6.48 2.43
N LEU A 122 11.34 7.75 2.83
CA LEU A 122 11.04 8.14 4.22
C LEU A 122 9.59 7.97 4.59
N ARG A 123 9.34 7.33 5.73
CA ARG A 123 8.00 7.05 6.21
C ARG A 123 7.92 7.32 7.70
N TYR A 124 6.71 7.48 8.21
CA TYR A 124 6.55 7.69 9.65
C TYR A 124 6.73 6.33 10.31
N ALA A 125 7.38 6.31 11.45
CA ALA A 125 7.64 5.06 12.18
C ALA A 125 6.39 4.46 12.79
N ARG A 126 5.45 5.30 13.18
CA ARG A 126 4.18 4.84 13.76
C ARG A 126 3.01 5.64 13.16
N ILE A 127 1.87 4.99 12.97
CA ILE A 127 0.68 5.69 12.45
C ILE A 127 -0.56 5.10 13.07
N THR A 128 -1.66 5.85 12.97
CA THR A 128 -2.96 5.39 13.42
C THR A 128 -3.87 5.60 12.22
N VAL A 129 -4.51 4.51 11.80
CA VAL A 129 -5.38 4.51 10.62
C VAL A 129 -6.82 4.11 10.93
N THR A 130 -7.78 4.82 10.35
CA THR A 130 -9.19 4.46 10.53
C THR A 130 -9.68 4.04 9.14
N GLY A 131 -10.70 3.18 9.12
CA GLY A 131 -11.25 2.72 7.86
C GLY A 131 -12.40 1.80 8.19
N THR A 132 -13.14 1.38 7.17
CA THR A 132 -14.27 0.48 7.37
C THR A 132 -14.00 -0.81 6.63
N THR A 133 -14.27 -1.94 7.28
CA THR A 133 -14.03 -3.24 6.68
C THR A 133 -15.17 -3.72 5.80
N LEU A 134 -14.93 -4.86 5.15
CA LEU A 134 -15.91 -5.47 4.26
C LEU A 134 -17.19 -5.82 5.01
N ASP A 135 -17.11 -5.95 6.32
CA ASP A 135 -18.32 -6.27 7.09
C ASP A 135 -18.90 -5.07 7.85
N GLY A 136 -18.43 -3.87 7.52
CA GLY A 136 -18.92 -2.65 8.12
C GLY A 136 -18.32 -2.24 9.45
N GLU A 137 -17.27 -2.93 9.89
CA GLU A 137 -16.63 -2.59 11.17
C GLU A 137 -15.72 -1.38 10.96
N GLU A 138 -15.86 -0.35 11.80
CA GLU A 138 -15.04 0.84 11.69
C GLU A 138 -13.86 0.61 12.62
N VAL A 139 -12.68 0.50 12.03
CA VAL A 139 -11.50 0.22 12.83
C VAL A 139 -10.56 1.38 13.04
N THR A 140 -9.79 1.30 14.11
CA THR A 140 -8.76 2.28 14.45
C THR A 140 -7.53 1.44 14.70
N LEU A 141 -6.60 1.44 13.75
CA LEU A 141 -5.38 0.63 13.84
C LEU A 141 -4.09 1.38 14.18
N ARG A 142 -3.46 1.00 15.28
CA ARG A 142 -2.21 1.62 15.68
C ARG A 142 -1.08 0.70 15.20
N LEU A 143 -0.41 1.15 14.15
CA LEU A 143 0.64 0.39 13.48
C LEU A 143 2.05 0.99 13.55
N LYS A 144 3.05 0.14 13.36
CA LYS A 144 4.44 0.57 13.41
C LYS A 144 5.21 -0.26 12.41
N GLY A 145 6.46 0.12 12.16
CA GLY A 145 7.33 -0.61 11.25
C GLY A 145 6.81 -0.95 9.85
N LEU A 146 7.19 -2.13 9.34
CA LEU A 146 6.77 -2.53 7.99
C LEU A 146 5.27 -2.43 7.79
N PRO A 147 4.47 -2.93 8.73
CA PRO A 147 3.04 -2.77 8.47
C PRO A 147 2.66 -1.28 8.28
N ALA A 148 3.20 -0.37 9.11
CA ALA A 148 2.90 1.06 8.97
C ALA A 148 3.32 1.59 7.61
N ILE A 149 4.48 1.14 7.14
CA ILE A 149 5.00 1.54 5.84
C ILE A 149 4.06 1.09 4.73
N VAL A 150 3.58 -0.16 4.79
CA VAL A 150 2.68 -0.65 3.74
C VAL A 150 1.40 0.18 3.69
N PHE A 151 0.82 0.47 4.84
CA PHE A 151 -0.38 1.27 4.85
C PHE A 151 -0.10 2.67 4.24
N GLN A 152 1.04 3.28 4.58
CA GLN A 152 1.35 4.59 4.01
C GLN A 152 1.51 4.50 2.50
N HIS A 153 2.17 3.46 2.03
CA HIS A 153 2.35 3.28 0.59
C HIS A 153 0.99 3.16 -0.15
N GLU A 154 0.09 2.34 0.36
CA GLU A 154 -1.21 2.15 -0.30
C GLU A 154 -2.08 3.40 -0.14
N ILE A 155 -2.08 4.01 1.03
CA ILE A 155 -2.90 5.21 1.18
C ILE A 155 -2.36 6.32 0.24
N ASP A 156 -1.05 6.36 0.03
CA ASP A 156 -0.44 7.36 -0.85
C ASP A 156 -1.03 7.23 -2.24
N HIS A 157 -1.19 6.00 -2.71
CA HIS A 157 -1.78 5.80 -4.04
C HIS A 157 -3.14 6.46 -4.17
N LEU A 158 -3.93 6.45 -3.09
CA LEU A 158 -5.26 7.08 -3.10
C LEU A 158 -5.18 8.60 -3.15
N ASN A 159 -3.99 9.15 -2.91
CA ASN A 159 -3.84 10.60 -2.98
C ASN A 159 -2.99 11.00 -4.17
N GLY A 160 -2.82 10.06 -5.11
CA GLY A 160 -2.03 10.35 -6.29
C GLY A 160 -0.56 10.58 -6.02
N ILE A 161 -0.04 9.92 -4.98
CA ILE A 161 1.37 10.04 -4.57
C ILE A 161 2.10 8.71 -4.82
N MET A 162 3.28 8.79 -5.43
CA MET A 162 4.07 7.59 -5.73
C MET A 162 5.23 7.54 -4.74
N PHE A 163 5.74 6.34 -4.46
CA PHE A 163 6.82 6.20 -3.49
C PHE A 163 8.03 7.06 -3.76
N TYR A 164 8.47 7.17 -5.02
CA TYR A 164 9.65 7.98 -5.25
C TYR A 164 9.47 9.49 -4.95
N ASP A 165 8.24 9.92 -4.65
CA ASP A 165 7.99 11.33 -4.30
C ASP A 165 8.61 11.57 -2.91
N ARG A 166 8.78 10.51 -2.14
CA ARG A 166 9.33 10.59 -0.79
C ARG A 166 10.81 10.20 -0.67
N ILE A 167 11.51 10.18 -1.80
CA ILE A 167 12.93 9.89 -1.80
C ILE A 167 13.61 11.26 -1.92
N ASN A 168 14.67 11.48 -1.16
CA ASN A 168 15.40 12.74 -1.20
C ASN A 168 15.87 13.03 -2.63
N PRO A 169 15.44 14.15 -3.22
CA PRO A 169 15.87 14.45 -4.59
C PRO A 169 17.34 14.88 -4.74
N ALA A 170 17.98 15.25 -3.63
CA ALA A 170 19.37 15.69 -3.68
C ALA A 170 20.38 14.52 -3.57
N ASP A 171 20.21 13.66 -2.57
CA ASP A 171 21.07 12.46 -2.38
C ASP A 171 20.04 11.43 -1.96
N PRO A 172 19.66 10.51 -2.88
CA PRO A 172 18.66 9.50 -2.52
C PRO A 172 18.99 8.67 -1.27
N PHE A 173 20.26 8.57 -0.93
CA PHE A 173 20.65 7.81 0.26
C PHE A 173 21.01 8.67 1.46
N GLN A 174 20.48 9.89 1.48
CA GLN A 174 20.70 10.76 2.61
C GLN A 174 20.26 9.98 3.86
N VAL A 175 21.10 10.00 4.89
CA VAL A 175 20.78 9.29 6.13
C VAL A 175 20.14 10.31 7.03
N PRO A 176 18.82 10.20 7.26
CA PRO A 176 18.15 11.18 8.15
C PRO A 176 18.43 10.96 9.63
N ASP A 177 18.90 12.02 10.27
CA ASP A 177 19.23 12.00 11.69
C ASP A 177 18.07 11.53 12.60
N GLY A 178 18.27 10.41 13.27
CA GLY A 178 17.23 9.94 14.17
C GLY A 178 16.23 8.96 13.57
N ALA A 179 16.23 8.87 12.24
CA ALA A 179 15.32 7.97 11.52
C ALA A 179 15.75 6.52 11.68
N ILE A 180 14.77 5.63 11.81
CA ILE A 180 15.02 4.19 11.97
C ILE A 180 15.20 3.45 10.65
N PRO A 181 16.41 2.98 10.36
CA PRO A 181 16.60 2.26 9.10
C PRO A 181 16.14 0.85 9.38
N ILE A 182 15.39 0.27 8.46
CA ILE A 182 14.88 -1.07 8.65
C ILE A 182 15.47 -1.97 7.58
N GLY A 183 16.13 -3.03 8.03
CA GLY A 183 16.72 -3.96 7.09
C GLY A 183 17.73 -4.79 7.81
N ARG A 184 17.62 -6.11 7.67
CA ARG A 184 18.54 -7.02 8.34
C ARG A 184 19.52 -7.65 7.36
NI NI B . 2.33 0.62 -5.01
NI NI C . 0.52 14.75 9.64
C5 BB2 D . 3.17 -3.47 -3.90
C3 BB2 D . 2.47 -2.15 -4.38
O4 BB2 D . 2.92 -1.51 -5.33
N1 BB2 D . 1.38 -1.75 -3.74
O2 BB2 D . 0.74 -0.56 -4.17
C6 BB2 D . 4.25 -3.02 -2.90
C12 BB2 D . 5.27 -4.19 -2.72
O13 BB2 D . 4.87 -5.34 -2.40
C7 BB2 D . 3.56 -2.67 -1.54
C8 BB2 D . 4.51 -2.45 -0.33
C9 BB2 D . 5.38 -1.21 -0.51
C10 BB2 D . 5.98 -0.79 0.85
C11 BB2 D . 7.19 -1.62 1.32
N14 BB2 D . 6.60 -3.77 -2.92
C15 BB2 D . 7.56 -4.80 -2.74
C16 BB2 D . 8.36 -5.04 -4.06
C18 BB2 D . 9.55 -6.02 -3.85
C17 BB2 D . 7.43 -5.58 -5.16
C19 BB2 D . 8.55 -4.27 -1.65
O20 BB2 D . 8.94 -3.08 -1.78
N21 BB2 D . 9.10 -5.12 -0.72
C22 BB2 D . 9.83 -4.54 0.44
C23 BB2 D . 8.16 -6.14 -0.20
C24 BB2 D . 8.84 -6.61 1.11
C25 BB2 D . 9.34 -5.29 1.68
C26 BB2 D . 11.30 -4.75 0.06
O27 BB2 D . 12.13 -4.07 0.62
#